data_5N17
#
_entry.id   5N17
#
_cell.length_a   70.413
_cell.length_b   70.413
_cell.length_c   124.169
_cell.angle_alpha   90.00
_cell.angle_beta   90.00
_cell.angle_gamma   90.00
#
_symmetry.space_group_name_H-M   'P 41 21 2'
#
loop_
_entity.id
_entity.type
_entity.pdbx_description
1 polymer 'Bromodomain-containing factor 1'
2 non-polymer (2~{S})-~{N}-(5-methyl-6-oxidanylidene-benzo[b][1,4]benzothiazepin-2-yl)oxolane-2-carboxamide
3 non-polymer 'SULFATE ION'
4 water water
#
_entity_poly.entity_id   1
_entity_poly.type   'polypeptide(L)'
_entity_poly.pdbx_seq_one_letter_code
;AMGAPKPPQEPDMNNLPENPIPQHQAKFVLNTIKAVKRNREAVPFLHPVDTVKLNVPFYYNYIPRPMDLSTIERKINLKA
YEDVSQVVDDFNLMVKNCKKFNGEAAGISKMATNIQAQFEKLMVKVPPKELPAGTNVA
;
_entity_poly.pdbx_strand_id   A,B
#
loop_
_chem_comp.id
_chem_comp.type
_chem_comp.name
_chem_comp.formula
8FK non-polymer (2~{S})-~{N}-(5-methyl-6-oxidanylidene-benzo[b][1,4]benzothiazepin-2-yl)oxolane-2-carboxamide 'C19 H18 N2 O3 S'
SO4 non-polymer 'SULFATE ION' 'O4 S -2'
#
# COMPACT_ATOMS: atom_id res chain seq x y z
N ALA A 1 -18.42 2.92 -13.74
CA ALA A 1 -18.82 2.18 -12.56
C ALA A 1 -17.63 1.91 -11.64
N MET A 2 -17.85 2.09 -10.34
CA MET A 2 -16.85 1.82 -9.31
C MET A 2 -17.14 0.47 -8.66
N GLY A 3 -16.06 -0.19 -8.22
CA GLY A 3 -16.15 -1.41 -7.47
C GLY A 3 -15.77 -1.24 -6.02
N ALA A 4 -15.42 -2.34 -5.38
CA ALA A 4 -15.17 -2.34 -3.96
C ALA A 4 -13.81 -1.71 -3.63
N PRO A 5 -13.69 -1.05 -2.48
CA PRO A 5 -12.43 -0.40 -2.13
C PRO A 5 -11.36 -1.41 -1.71
N LYS A 6 -10.12 -0.96 -1.76
CA LYS A 6 -8.99 -1.80 -1.39
C LYS A 6 -9.04 -2.12 0.10
N PRO A 7 -9.00 -3.39 0.49
CA PRO A 7 -9.09 -3.74 1.91
C PRO A 7 -7.89 -3.23 2.69
N PRO A 8 -8.01 -3.12 4.01
CA PRO A 8 -6.87 -2.71 4.83
C PRO A 8 -5.69 -3.65 4.66
N GLN A 9 -4.52 -3.04 4.59
CA GLN A 9 -3.28 -3.75 4.34
C GLN A 9 -2.98 -4.72 5.49
N GLU A 10 -2.33 -5.83 5.17
CA GLU A 10 -1.89 -6.80 6.18
C GLU A 10 -0.41 -6.62 6.51
N PRO A 11 0.01 -7.02 7.71
CA PRO A 11 -0.83 -7.66 8.72
C PRO A 11 -1.66 -6.62 9.47
N ASP A 12 -2.79 -7.04 10.04
CA ASP A 12 -3.44 -6.24 11.06
C ASP A 12 -2.47 -6.09 12.22
N MET A 13 -1.83 -4.93 12.34
CA MET A 13 -0.85 -4.72 13.40
C MET A 13 -1.50 -4.74 14.78
N ASN A 14 -2.80 -4.98 14.86
CA ASN A 14 -3.55 -4.96 16.10
C ASN A 14 -3.89 -6.34 16.63
N ASN A 15 -3.45 -7.40 15.95
CA ASN A 15 -3.79 -8.75 16.40
C ASN A 15 -2.63 -9.72 16.21
N LEU A 16 -1.40 -9.23 16.25
CA LEU A 16 -0.24 -10.11 16.19
C LEU A 16 -0.37 -11.18 17.27
N PRO A 17 0.21 -12.36 17.08
CA PRO A 17 0.23 -13.35 18.16
C PRO A 17 1.47 -13.17 19.02
N GLU A 18 1.34 -13.39 20.33
CA GLU A 18 2.50 -13.26 21.21
C GLU A 18 3.49 -14.40 21.05
N ASN A 19 3.05 -15.55 20.48
CA ASN A 19 3.89 -16.70 20.21
C ASN A 19 4.08 -16.86 18.71
N PRO A 20 4.85 -15.98 18.06
CA PRO A 20 5.06 -16.14 16.61
C PRO A 20 5.88 -17.37 16.30
N ILE A 21 6.31 -17.51 15.04
CA ILE A 21 7.12 -18.67 14.64
C ILE A 21 8.53 -18.48 15.17
N PRO A 22 9.12 -19.52 15.76
CA PRO A 22 10.50 -19.40 16.26
C PRO A 22 11.43 -18.80 15.22
N GLN A 23 12.48 -18.14 15.69
CA GLN A 23 13.33 -17.39 14.79
C GLN A 23 13.99 -18.28 13.74
N HIS A 24 14.34 -19.52 14.10
CA HIS A 24 15.01 -20.37 13.13
C HIS A 24 14.11 -20.65 11.94
N GLN A 25 12.84 -20.98 12.19
CA GLN A 25 11.90 -21.15 11.09
C GLN A 25 11.64 -19.84 10.37
N ALA A 26 11.36 -18.78 11.12
CA ALA A 26 11.07 -17.49 10.50
C ALA A 26 12.19 -17.06 9.56
N LYS A 27 13.44 -17.28 9.98
CA LYS A 27 14.58 -16.94 9.14
C LYS A 27 14.62 -17.79 7.87
N PHE A 28 14.21 -19.07 7.98
CA PHE A 28 14.18 -19.93 6.82
C PHE A 28 13.11 -19.49 5.82
N VAL A 29 11.89 -19.23 6.31
CA VAL A 29 10.82 -18.84 5.41
C VAL A 29 11.12 -17.48 4.78
N LEU A 30 11.69 -16.55 5.55
CA LEU A 30 12.07 -15.27 4.98
C LEU A 30 13.07 -15.45 3.83
N ASN A 31 14.08 -16.30 4.03
CA ASN A 31 15.02 -16.58 2.95
C ASN A 31 14.35 -17.27 1.78
N THR A 32 13.35 -18.11 2.06
CA THR A 32 12.61 -18.75 0.97
C THR A 32 11.85 -17.71 0.15
N ILE A 33 11.19 -16.78 0.82
CA ILE A 33 10.42 -15.76 0.09
C ILE A 33 11.35 -14.86 -0.73
N LYS A 34 12.49 -14.49 -0.16
CA LYS A 34 13.45 -13.69 -0.92
C LYS A 34 13.96 -14.44 -2.14
N ALA A 35 14.13 -15.77 -2.01
CA ALA A 35 14.52 -16.57 -3.16
C ALA A 35 13.46 -16.50 -4.25
N VAL A 36 12.19 -16.66 -3.86
CA VAL A 36 11.10 -16.54 -4.84
C VAL A 36 11.09 -15.16 -5.46
N LYS A 37 11.37 -14.12 -4.66
CA LYS A 37 11.34 -12.76 -5.19
C LYS A 37 12.38 -12.55 -6.29
N ARG A 38 13.47 -13.32 -6.27
CA ARG A 38 14.47 -13.23 -7.33
C ARG A 38 14.09 -14.01 -8.57
N ASN A 39 12.99 -14.77 -8.52
CA ASN A 39 12.51 -15.47 -9.71
C ASN A 39 11.89 -14.46 -10.66
N ARG A 40 12.26 -14.56 -11.94
CA ARG A 40 11.75 -13.62 -12.93
C ARG A 40 10.25 -13.77 -13.15
N GLU A 41 9.69 -14.94 -12.89
CA GLU A 41 8.25 -15.12 -12.97
C GLU A 41 7.51 -14.57 -11.76
N ALA A 42 8.24 -14.08 -10.75
CA ALA A 42 7.63 -13.49 -9.57
C ALA A 42 7.39 -11.99 -9.70
N VAL A 43 7.88 -11.37 -10.78
CA VAL A 43 7.77 -9.91 -10.92
C VAL A 43 6.35 -9.42 -10.67
N PRO A 44 5.32 -9.93 -11.34
CA PRO A 44 3.96 -9.43 -11.09
C PRO A 44 3.50 -9.59 -9.65
N PHE A 45 4.11 -10.49 -8.88
CA PHE A 45 3.65 -10.80 -7.54
C PHE A 45 4.48 -10.12 -6.45
N LEU A 46 5.43 -9.26 -6.83
CA LEU A 46 6.28 -8.60 -5.84
C LEU A 46 5.49 -7.67 -4.94
N HIS A 47 4.50 -6.99 -5.49
CA HIS A 47 3.72 -5.98 -4.79
C HIS A 47 2.24 -6.25 -4.95
N PRO A 48 1.40 -5.61 -4.14
CA PRO A 48 -0.04 -5.81 -4.26
C PRO A 48 -0.53 -5.46 -5.65
N VAL A 49 -1.53 -6.20 -6.12
CA VAL A 49 -2.19 -5.86 -7.36
C VAL A 49 -2.69 -4.43 -7.29
N ASP A 50 -2.37 -3.63 -8.31
CA ASP A 50 -2.84 -2.25 -8.37
C ASP A 50 -4.04 -2.23 -9.31
N THR A 51 -5.24 -2.22 -8.71
CA THR A 51 -6.48 -2.32 -9.47
C THR A 51 -6.75 -1.08 -10.31
N VAL A 52 -6.19 0.08 -9.95
CA VAL A 52 -6.35 1.26 -10.78
C VAL A 52 -5.39 1.23 -11.95
N LYS A 53 -4.13 0.89 -11.69
CA LYS A 53 -3.15 0.78 -12.76
C LYS A 53 -3.57 -0.30 -13.76
N LEU A 54 -4.07 -1.42 -13.28
CA LEU A 54 -4.53 -2.50 -14.14
C LEU A 54 -5.94 -2.31 -14.65
N ASN A 55 -6.62 -1.26 -14.18
CA ASN A 55 -7.99 -0.93 -14.59
C ASN A 55 -8.91 -2.15 -14.49
N VAL A 56 -8.99 -2.68 -13.28
CA VAL A 56 -9.91 -3.78 -12.99
C VAL A 56 -10.79 -3.34 -11.82
N PRO A 57 -11.86 -2.59 -12.11
CA PRO A 57 -12.65 -1.96 -11.03
C PRO A 57 -13.29 -2.93 -10.05
N PHE A 58 -13.58 -4.16 -10.48
CA PHE A 58 -14.29 -5.09 -9.62
C PHE A 58 -13.36 -6.13 -9.00
N TYR A 59 -12.04 -5.93 -9.11
CA TYR A 59 -11.11 -6.92 -8.59
C TYR A 59 -11.38 -7.25 -7.12
N TYR A 60 -11.59 -6.23 -6.29
CA TYR A 60 -11.78 -6.46 -4.86
C TYR A 60 -13.15 -7.01 -4.51
N ASN A 61 -14.13 -6.86 -5.41
CA ASN A 61 -15.40 -7.55 -5.21
C ASN A 61 -15.22 -9.06 -5.32
N TYR A 62 -14.36 -9.50 -6.24
CA TYR A 62 -14.10 -10.92 -6.41
C TYR A 62 -12.98 -11.42 -5.52
N ILE A 63 -12.04 -10.54 -5.17
CA ILE A 63 -10.86 -10.90 -4.38
C ILE A 63 -10.87 -10.07 -3.11
N PRO A 64 -11.69 -10.43 -2.11
CA PRO A 64 -11.75 -9.62 -0.88
C PRO A 64 -10.54 -9.78 0.03
N ARG A 65 -9.64 -10.72 -0.24
CA ARG A 65 -8.44 -10.91 0.58
C ARG A 65 -7.21 -11.00 -0.32
N PRO A 66 -6.74 -9.86 -0.82
CA PRO A 66 -5.56 -9.85 -1.67
C PRO A 66 -4.31 -10.29 -0.94
N MET A 67 -3.35 -10.82 -1.70
CA MET A 67 -2.09 -11.25 -1.13
C MET A 67 -0.99 -11.11 -2.18
N ASP A 68 0.23 -10.88 -1.70
CA ASP A 68 1.40 -10.70 -2.56
C ASP A 68 2.65 -11.01 -1.76
N LEU A 69 3.79 -11.12 -2.46
CA LEU A 69 5.02 -11.55 -1.82
C LEU A 69 5.51 -10.53 -0.79
N SER A 70 5.36 -9.23 -1.08
CA SER A 70 5.84 -8.24 -0.11
C SER A 70 5.00 -8.27 1.16
N THR A 71 3.72 -8.63 1.05
CA THR A 71 2.89 -8.75 2.25
C THR A 71 3.30 -9.96 3.09
N ILE A 72 3.62 -11.08 2.43
CA ILE A 72 4.12 -12.24 3.16
C ILE A 72 5.42 -11.90 3.87
N GLU A 73 6.36 -11.27 3.15
CA GLU A 73 7.64 -10.90 3.75
C GLU A 73 7.43 -9.96 4.94
N ARG A 74 6.49 -9.04 4.82
CA ARG A 74 6.22 -8.11 5.93
C ARG A 74 5.58 -8.84 7.10
N LYS A 75 4.71 -9.81 6.83
CA LYS A 75 4.06 -10.55 7.92
C LYS A 75 5.07 -11.43 8.66
N ILE A 76 6.11 -11.89 7.98
CA ILE A 76 7.18 -12.61 8.67
C ILE A 76 8.00 -11.64 9.51
N ASN A 77 8.39 -10.51 8.91
CA ASN A 77 9.25 -9.56 9.62
C ASN A 77 8.54 -8.98 10.84
N LEU A 78 7.27 -8.62 10.71
CA LEU A 78 6.53 -8.05 11.82
C LEU A 78 5.94 -9.10 12.74
N LYS A 79 6.31 -10.38 12.56
CA LYS A 79 5.98 -11.44 13.51
C LYS A 79 4.48 -11.71 13.59
N ALA A 80 3.83 -11.77 12.43
CA ALA A 80 2.38 -11.95 12.39
C ALA A 80 1.94 -13.40 12.31
N TYR A 81 2.84 -14.32 11.96
CA TYR A 81 2.48 -15.73 11.81
C TYR A 81 2.74 -16.49 13.11
N GLU A 82 1.88 -17.49 13.36
CA GLU A 82 2.02 -18.41 14.48
C GLU A 82 2.57 -19.77 14.07
N ASP A 83 2.57 -20.07 12.77
CA ASP A 83 2.85 -21.42 12.30
C ASP A 83 3.25 -21.32 10.84
N VAL A 84 4.24 -22.11 10.43
CA VAL A 84 4.72 -22.04 9.06
C VAL A 84 3.61 -22.37 8.08
N SER A 85 2.62 -23.15 8.51
CA SER A 85 1.50 -23.48 7.62
C SER A 85 0.74 -22.23 7.21
N GLN A 86 0.75 -21.20 8.06
CA GLN A 86 0.09 -19.94 7.70
C GLN A 86 0.83 -19.21 6.59
N VAL A 87 2.16 -19.37 6.54
CA VAL A 87 2.93 -18.82 5.42
C VAL A 87 2.51 -19.52 4.13
N VAL A 88 2.48 -20.86 4.16
CA VAL A 88 2.03 -21.62 3.00
C VAL A 88 0.60 -21.22 2.62
N ASP A 89 -0.26 -21.03 3.62
CA ASP A 89 -1.63 -20.61 3.33
C ASP A 89 -1.67 -19.30 2.58
N ASP A 90 -0.87 -18.31 3.01
CA ASP A 90 -0.89 -17.02 2.34
C ASP A 90 -0.32 -17.12 0.93
N PHE A 91 0.74 -17.92 0.73
CA PHE A 91 1.24 -18.14 -0.62
C PHE A 91 0.15 -18.75 -1.50
N ASN A 92 -0.54 -19.77 -0.98
CA ASN A 92 -1.62 -20.39 -1.75
C ASN A 92 -2.73 -19.40 -2.05
N LEU A 93 -3.02 -18.50 -1.09
CA LEU A 93 -4.05 -17.50 -1.32
C LEU A 93 -3.68 -16.56 -2.46
N MET A 94 -2.43 -16.10 -2.48
CA MET A 94 -1.94 -15.29 -3.59
C MET A 94 -2.14 -15.97 -4.93
N VAL A 95 -1.83 -17.27 -4.99
CA VAL A 95 -1.95 -18.03 -6.24
C VAL A 95 -3.42 -18.22 -6.59
N LYS A 96 -4.24 -18.57 -5.59
CA LYS A 96 -5.66 -18.81 -5.86
C LYS A 96 -6.37 -17.54 -6.28
N ASN A 97 -6.02 -16.40 -5.68
CA ASN A 97 -6.57 -15.11 -6.10
C ASN A 97 -6.29 -14.88 -7.57
N CYS A 98 -5.04 -15.11 -7.98
CA CYS A 98 -4.65 -14.89 -9.36
C CYS A 98 -5.46 -15.79 -10.31
N LYS A 99 -5.56 -17.08 -9.99
CA LYS A 99 -6.30 -17.98 -10.87
C LYS A 99 -7.78 -17.65 -10.85
N LYS A 100 -8.32 -17.27 -9.69
CA LYS A 100 -9.75 -16.96 -9.61
C LYS A 100 -10.10 -15.77 -10.48
N PHE A 101 -9.29 -14.71 -10.44
CA PHE A 101 -9.65 -13.52 -11.20
C PHE A 101 -9.31 -13.66 -12.68
N ASN A 102 -8.12 -14.17 -12.99
CA ASN A 102 -7.63 -14.17 -14.36
C ASN A 102 -7.97 -15.43 -15.14
N GLY A 103 -8.34 -16.50 -14.46
CA GLY A 103 -8.60 -17.78 -15.10
C GLY A 103 -7.39 -18.68 -15.09
N GLU A 104 -7.64 -19.98 -15.01
CA GLU A 104 -6.52 -20.92 -14.91
C GLU A 104 -5.66 -20.94 -16.17
N ALA A 105 -6.20 -20.49 -17.30
CA ALA A 105 -5.50 -20.58 -18.57
C ALA A 105 -4.76 -19.31 -18.96
N ALA A 106 -4.74 -18.29 -18.11
CA ALA A 106 -4.04 -17.06 -18.41
C ALA A 106 -2.55 -17.18 -18.15
N GLY A 107 -1.77 -16.40 -18.90
CA GLY A 107 -0.32 -16.43 -18.72
C GLY A 107 0.09 -16.12 -17.29
N ILE A 108 -0.53 -15.10 -16.69
CA ILE A 108 -0.18 -14.72 -15.32
C ILE A 108 -0.41 -15.89 -14.38
N SER A 109 -1.44 -16.69 -14.64
CA SER A 109 -1.72 -17.84 -13.80
C SER A 109 -0.64 -18.91 -13.93
N LYS A 110 -0.09 -19.09 -15.13
CA LYS A 110 1.04 -20.00 -15.28
C LYS A 110 2.23 -19.53 -14.45
N MET A 111 2.48 -18.22 -14.45
CA MET A 111 3.56 -17.68 -13.64
C MET A 111 3.30 -17.92 -12.15
N ALA A 112 2.06 -17.71 -11.71
CA ALA A 112 1.69 -18.04 -10.33
C ALA A 112 2.00 -19.49 -10.01
N THR A 113 1.62 -20.40 -10.91
CA THR A 113 1.88 -21.82 -10.68
C THR A 113 3.38 -22.10 -10.59
N ASN A 114 4.18 -21.44 -11.44
CA ASN A 114 5.61 -21.71 -11.45
C ASN A 114 6.27 -21.27 -10.15
N ILE A 115 5.93 -20.09 -9.64
CA ILE A 115 6.58 -19.65 -8.41
C ILE A 115 6.05 -20.44 -7.22
N GLN A 116 4.79 -20.90 -7.28
CA GLN A 116 4.31 -21.83 -6.26
C GLN A 116 5.13 -23.11 -6.25
N ALA A 117 5.49 -23.62 -7.44
CA ALA A 117 6.31 -24.84 -7.51
C ALA A 117 7.67 -24.61 -6.88
N GLN A 118 8.33 -23.49 -7.21
CA GLN A 118 9.59 -23.16 -6.57
C GLN A 118 9.44 -23.09 -5.06
N PHE A 119 8.43 -22.35 -4.61
CA PHE A 119 8.19 -22.18 -3.17
C PHE A 119 8.03 -23.53 -2.48
N GLU A 120 7.17 -24.39 -3.03
CA GLU A 120 6.95 -25.69 -2.40
C GLU A 120 8.23 -26.52 -2.37
N LYS A 121 9.01 -26.49 -3.46
CA LYS A 121 10.26 -27.24 -3.49
C LYS A 121 11.21 -26.78 -2.40
N LEU A 122 11.38 -25.46 -2.26
CA LEU A 122 12.22 -24.93 -1.19
C LEU A 122 11.67 -25.32 0.18
N MET A 123 10.34 -25.24 0.35
CA MET A 123 9.75 -25.48 1.66
C MET A 123 9.95 -26.91 2.14
N VAL A 124 10.36 -27.81 1.25
CA VAL A 124 10.56 -29.22 1.61
C VAL A 124 11.61 -29.31 2.71
N LYS A 125 12.43 -28.27 2.83
CA LYS A 125 13.58 -28.27 3.73
C LYS A 125 13.35 -27.42 4.99
N VAL A 126 12.12 -27.02 5.27
CA VAL A 126 11.89 -26.13 6.42
C VAL A 126 12.22 -26.87 7.71
N PRO A 127 12.92 -26.25 8.66
CA PRO A 127 13.27 -26.93 9.91
C PRO A 127 12.03 -27.23 10.73
N PRO A 128 12.08 -28.21 11.62
CA PRO A 128 10.91 -28.54 12.44
C PRO A 128 10.65 -27.45 13.49
N LYS A 129 9.47 -27.55 14.09
CA LYS A 129 9.04 -26.56 15.09
C LYS A 129 9.86 -26.67 16.37
N ALA B 1 -18.21 7.16 -21.05
CA ALA B 1 -17.59 6.19 -21.94
C ALA B 1 -16.24 6.66 -22.45
N MET B 2 -15.19 6.26 -21.74
CA MET B 2 -13.83 6.68 -22.06
C MET B 2 -12.87 5.55 -21.71
N GLY B 3 -13.14 4.84 -20.63
CA GLY B 3 -12.34 3.69 -20.24
C GLY B 3 -11.17 4.00 -19.34
N ALA B 4 -10.96 5.26 -18.97
CA ALA B 4 -9.84 5.59 -18.12
C ALA B 4 -10.04 5.01 -16.72
N PRO B 5 -8.97 4.73 -16.00
CA PRO B 5 -9.11 4.24 -14.62
C PRO B 5 -9.70 5.33 -13.73
N LYS B 6 -10.35 4.89 -12.66
CA LYS B 6 -10.93 5.84 -11.72
C LYS B 6 -10.64 5.42 -10.28
N PRO B 7 -9.77 6.13 -9.58
CA PRO B 7 -9.45 5.76 -8.20
C PRO B 7 -10.57 6.16 -7.26
N PRO B 8 -10.81 5.37 -6.22
CA PRO B 8 -11.80 5.76 -5.20
C PRO B 8 -11.24 6.84 -4.28
N GLN B 9 -12.15 7.49 -3.56
CA GLN B 9 -11.79 8.48 -2.57
C GLN B 9 -11.52 7.80 -1.23
N GLU B 10 -10.41 8.17 -0.59
CA GLU B 10 -10.06 7.63 0.71
C GLU B 10 -10.62 8.53 1.81
N PRO B 11 -10.95 7.95 2.98
CA PRO B 11 -10.84 6.53 3.33
C PRO B 11 -12.16 5.76 3.20
N ASP B 12 -12.07 4.43 3.28
CA ASP B 12 -13.25 3.57 3.33
C ASP B 12 -13.74 3.50 4.78
N MET B 13 -14.87 4.17 5.06
CA MET B 13 -15.37 4.22 6.43
C MET B 13 -15.78 2.86 6.95
N ASN B 14 -15.98 1.87 6.07
CA ASN B 14 -16.35 0.53 6.53
C ASN B 14 -15.16 -0.29 7.01
N ASN B 15 -13.95 0.22 6.89
CA ASN B 15 -12.74 -0.54 7.19
C ASN B 15 -11.68 0.34 7.85
N LEU B 16 -12.09 1.06 8.89
CA LEU B 16 -11.14 1.89 9.64
C LEU B 16 -10.44 1.05 10.71
N PRO B 17 -9.21 1.42 11.06
CA PRO B 17 -8.49 0.64 12.09
C PRO B 17 -9.21 0.71 13.43
N GLU B 18 -9.14 -0.40 14.17
CA GLU B 18 -9.73 -0.37 15.50
C GLU B 18 -8.80 0.28 16.52
N ASN B 19 -7.52 0.48 16.19
CA ASN B 19 -6.57 1.18 17.05
C ASN B 19 -5.80 2.22 16.25
N PRO B 20 -6.42 3.37 15.96
CA PRO B 20 -5.72 4.43 15.23
C PRO B 20 -4.62 5.06 16.07
N ILE B 21 -3.87 5.95 15.43
CA ILE B 21 -2.75 6.59 16.13
C ILE B 21 -3.26 7.26 17.40
N PRO B 22 -2.49 7.27 18.49
CA PRO B 22 -2.96 7.92 19.72
C PRO B 22 -3.22 9.41 19.51
N GLN B 23 -4.07 9.95 20.38
CA GLN B 23 -4.56 11.32 20.18
C GLN B 23 -3.43 12.34 20.24
N HIS B 24 -2.42 12.14 21.08
CA HIS B 24 -1.34 13.12 21.15
C HIS B 24 -0.57 13.18 19.83
N GLN B 25 -0.41 12.03 19.16
CA GLN B 25 0.23 12.05 17.85
C GLN B 25 -0.69 12.65 16.80
N ALA B 26 -1.98 12.27 16.82
CA ALA B 26 -2.93 12.80 15.86
C ALA B 26 -3.00 14.31 15.92
N LYS B 27 -3.00 14.87 17.13
CA LYS B 27 -2.97 16.32 17.28
C LYS B 27 -1.74 16.92 16.63
N PHE B 28 -0.58 16.28 16.81
CA PHE B 28 0.65 16.83 16.27
C PHE B 28 0.63 16.85 14.74
N VAL B 29 0.30 15.71 14.14
CA VAL B 29 0.32 15.65 12.67
C VAL B 29 -0.77 16.53 12.06
N LEU B 30 -1.91 16.65 12.73
CA LEU B 30 -2.95 17.55 12.23
C LEU B 30 -2.46 19.00 12.22
N ASN B 31 -1.80 19.43 13.29
CA ASN B 31 -1.26 20.79 13.32
C ASN B 31 -0.10 20.97 12.33
N THR B 32 0.62 19.88 12.03
CA THR B 32 1.66 19.95 11.01
C THR B 32 1.07 20.16 9.63
N ILE B 33 0.05 19.37 9.29
CA ILE B 33 -0.62 19.53 7.99
C ILE B 33 -1.23 20.91 7.86
N LYS B 34 -1.82 21.43 8.95
CA LYS B 34 -2.39 22.77 8.90
C LYS B 34 -1.30 23.82 8.70
N ALA B 35 -0.11 23.61 9.28
CA ALA B 35 1.01 24.51 9.01
C ALA B 35 1.38 24.50 7.54
N VAL B 36 1.46 23.31 6.93
CA VAL B 36 1.78 23.23 5.51
C VAL B 36 0.69 23.91 4.68
N LYS B 37 -0.58 23.71 5.07
CA LYS B 37 -1.67 24.31 4.32
C LYS B 37 -1.60 25.84 4.27
N ARG B 38 -0.91 26.45 5.23
CA ARG B 38 -0.76 27.91 5.22
C ARG B 38 0.34 28.40 4.30
N ASN B 39 1.20 27.50 3.84
CA ASN B 39 2.28 27.85 2.91
C ASN B 39 1.70 28.17 1.54
N ARG B 40 2.09 29.31 0.97
CA ARG B 40 1.62 29.63 -0.37
C ARG B 40 2.05 28.58 -1.38
N GLU B 41 3.21 27.93 -1.13
CA GLU B 41 3.65 26.85 -2.01
C GLU B 41 2.67 25.68 -2.00
N ALA B 42 1.78 25.60 -1.02
CA ALA B 42 0.89 24.46 -0.86
C ALA B 42 -0.43 24.62 -1.63
N VAL B 43 -0.68 25.80 -2.21
CA VAL B 43 -2.01 26.08 -2.77
C VAL B 43 -2.49 25.00 -3.73
N PRO B 44 -1.71 24.57 -4.73
CA PRO B 44 -2.21 23.55 -5.68
C PRO B 44 -2.44 22.18 -5.04
N PHE B 45 -1.92 21.94 -3.85
CA PHE B 45 -2.02 20.65 -3.18
C PHE B 45 -3.15 20.62 -2.16
N LEU B 46 -3.99 21.67 -2.11
CA LEU B 46 -5.03 21.73 -1.08
C LEU B 46 -6.18 20.78 -1.38
N HIS B 47 -6.41 20.47 -2.65
CA HIS B 47 -7.55 19.66 -3.06
C HIS B 47 -7.08 18.66 -4.10
N PRO B 48 -7.85 17.60 -4.34
CA PRO B 48 -7.44 16.60 -5.32
C PRO B 48 -7.30 17.20 -6.71
N VAL B 49 -6.34 16.64 -7.46
CA VAL B 49 -6.20 16.99 -8.87
C VAL B 49 -7.52 16.77 -9.59
N ASP B 50 -7.96 17.78 -10.31
CA ASP B 50 -9.19 17.71 -11.11
C ASP B 50 -8.77 17.46 -12.56
N THR B 51 -8.87 16.20 -12.99
CA THR B 51 -8.37 15.85 -14.32
C THR B 51 -9.17 16.48 -15.43
N VAL B 52 -10.44 16.82 -15.18
CA VAL B 52 -11.25 17.47 -16.20
C VAL B 52 -10.90 18.96 -16.29
N LYS B 53 -10.87 19.65 -15.15
CA LYS B 53 -10.54 21.08 -15.18
C LYS B 53 -9.12 21.31 -15.70
N LEU B 54 -8.20 20.39 -15.43
CA LEU B 54 -6.81 20.51 -15.86
C LEU B 54 -6.54 19.88 -17.21
N ASN B 55 -7.54 19.23 -17.82
CA ASN B 55 -7.39 18.61 -19.13
C ASN B 55 -6.20 17.65 -19.17
N VAL B 56 -6.19 16.70 -18.23
CA VAL B 56 -5.18 15.64 -18.23
C VAL B 56 -5.91 14.30 -18.20
N PRO B 57 -6.50 13.86 -19.32
CA PRO B 57 -7.35 12.66 -19.29
C PRO B 57 -6.60 11.38 -18.97
N PHE B 58 -5.29 11.35 -19.11
CA PHE B 58 -4.50 10.16 -18.81
C PHE B 58 -3.83 10.23 -17.45
N TYR B 59 -4.19 11.22 -16.63
CA TYR B 59 -3.53 11.40 -15.34
C TYR B 59 -3.55 10.12 -14.51
N TYR B 60 -4.71 9.48 -14.42
CA TYR B 60 -4.81 8.28 -13.58
C TYR B 60 -4.14 7.07 -14.20
N ASN B 61 -3.80 7.10 -15.48
CA ASN B 61 -2.99 6.03 -16.05
C ASN B 61 -1.57 6.07 -15.50
N TYR B 62 -1.07 7.28 -15.23
CA TYR B 62 0.24 7.44 -14.64
C TYR B 62 0.20 7.48 -13.12
N ILE B 63 -0.89 8.03 -12.56
CA ILE B 63 -1.01 8.27 -11.13
C ILE B 63 -2.18 7.45 -10.60
N PRO B 64 -1.98 6.17 -10.30
CA PRO B 64 -3.11 5.33 -9.86
C PRO B 64 -3.59 5.62 -8.45
N ARG B 65 -2.78 6.27 -7.60
CA ARG B 65 -3.21 6.60 -6.24
C ARG B 65 -2.99 8.08 -5.99
N PRO B 66 -3.95 8.91 -6.35
CA PRO B 66 -3.83 10.35 -6.12
C PRO B 66 -3.85 10.67 -4.63
N MET B 67 -3.23 11.79 -4.27
CA MET B 67 -3.19 12.22 -2.87
C MET B 67 -3.09 13.74 -2.82
N ASP B 68 -3.67 14.32 -1.78
CA ASP B 68 -3.60 15.77 -1.58
C ASP B 68 -3.76 16.06 -0.10
N LEU B 69 -3.58 17.34 0.26
CA LEU B 69 -3.55 17.71 1.67
C LEU B 69 -4.92 17.56 2.33
N SER B 70 -6.00 17.82 1.60
CA SER B 70 -7.32 17.65 2.20
C SER B 70 -7.61 16.18 2.49
N THR B 71 -7.13 15.27 1.65
CA THR B 71 -7.32 13.85 1.91
C THR B 71 -6.51 13.39 3.12
N ILE B 72 -5.27 13.87 3.25
CA ILE B 72 -4.50 13.55 4.45
C ILE B 72 -5.21 14.07 5.70
N GLU B 73 -5.68 15.32 5.66
CA GLU B 73 -6.36 15.90 6.81
C GLU B 73 -7.63 15.11 7.14
N ARG B 74 -8.41 14.74 6.12
CA ARG B 74 -9.61 13.95 6.36
C ARG B 74 -9.27 12.60 6.99
N LYS B 75 -8.21 11.95 6.50
CA LYS B 75 -7.83 10.66 7.06
C LYS B 75 -7.37 10.77 8.50
N ILE B 76 -6.72 11.88 8.88
CA ILE B 76 -6.37 12.08 10.29
C ILE B 76 -7.64 12.24 11.12
N ASN B 77 -8.57 13.09 10.66
CA ASN B 77 -9.77 13.36 11.44
C ASN B 77 -10.68 12.15 11.54
N LEU B 78 -10.73 11.34 10.49
CA LEU B 78 -11.58 10.15 10.46
C LEU B 78 -10.92 8.93 11.08
N LYS B 79 -9.73 9.08 11.68
CA LYS B 79 -9.07 8.00 12.40
C LYS B 79 -8.72 6.85 11.47
N ALA B 80 -8.27 7.17 10.26
CA ALA B 80 -7.94 6.18 9.25
C ALA B 80 -6.49 5.70 9.33
N TYR B 81 -5.63 6.37 10.09
CA TYR B 81 -4.21 6.01 10.19
C TYR B 81 -3.93 5.19 11.43
N GLU B 82 -3.08 4.16 11.27
CA GLU B 82 -2.59 3.34 12.39
C GLU B 82 -1.26 3.83 12.94
N ASP B 83 -0.42 4.43 12.09
CA ASP B 83 0.90 4.90 12.50
C ASP B 83 1.22 6.17 11.75
N VAL B 84 1.94 7.06 12.42
CA VAL B 84 2.33 8.31 11.78
C VAL B 84 3.14 8.04 10.51
N SER B 85 3.81 6.89 10.44
CA SER B 85 4.57 6.59 9.22
C SER B 85 3.65 6.54 8.01
N GLN B 86 2.36 6.24 8.21
CA GLN B 86 1.42 6.24 7.10
C GLN B 86 1.08 7.66 6.64
N VAL B 87 1.06 8.61 7.58
CA VAL B 87 0.85 10.01 7.21
C VAL B 87 2.02 10.50 6.35
N VAL B 88 3.23 10.20 6.80
CA VAL B 88 4.43 10.50 6.01
C VAL B 88 4.35 9.83 4.64
N ASP B 89 3.92 8.56 4.60
CA ASP B 89 3.83 7.88 3.30
C ASP B 89 2.87 8.60 2.37
N ASP B 90 1.71 9.06 2.89
CA ASP B 90 0.75 9.74 2.03
C ASP B 90 1.29 11.08 1.55
N PHE B 91 1.98 11.83 2.42
CA PHE B 91 2.57 13.10 1.99
C PHE B 91 3.59 12.86 0.90
N ASN B 92 4.45 11.87 1.08
CA ASN B 92 5.48 11.58 0.09
C ASN B 92 4.86 11.13 -1.22
N LEU B 93 3.75 10.39 -1.14
CA LEU B 93 3.03 9.97 -2.34
C LEU B 93 2.51 11.18 -3.12
N MET B 94 1.87 12.12 -2.41
CA MET B 94 1.40 13.35 -3.03
C MET B 94 2.51 14.05 -3.81
N VAL B 95 3.69 14.16 -3.18
CA VAL B 95 4.83 14.84 -3.80
C VAL B 95 5.34 14.03 -4.99
N LYS B 96 5.48 12.72 -4.81
CA LYS B 96 5.97 11.87 -5.90
C LYS B 96 5.02 11.90 -7.10
N ASN B 97 3.71 11.81 -6.85
CA ASN B 97 2.73 11.90 -7.94
C ASN B 97 2.98 13.16 -8.77
N CYS B 98 3.18 14.29 -8.08
CA CYS B 98 3.36 15.56 -8.78
C CYS B 98 4.63 15.55 -9.61
N LYS B 99 5.74 15.13 -9.02
CA LYS B 99 7.01 15.11 -9.74
C LYS B 99 6.96 14.13 -10.91
N LYS B 100 6.33 12.97 -10.72
CA LYS B 100 6.26 11.97 -11.78
C LYS B 100 5.46 12.49 -12.97
N PHE B 101 4.29 13.08 -12.72
CA PHE B 101 3.47 13.50 -13.83
C PHE B 101 4.04 14.75 -14.51
N ASN B 102 4.45 15.74 -13.73
CA ASN B 102 4.84 17.05 -14.28
C ASN B 102 6.31 17.16 -14.59
N GLY B 103 7.15 16.37 -13.94
CA GLY B 103 8.57 16.45 -14.23
C GLY B 103 9.29 17.44 -13.34
N GLU B 104 10.58 17.17 -13.12
CA GLU B 104 11.43 18.03 -12.30
C GLU B 104 11.62 19.42 -12.90
N ALA B 105 11.43 19.57 -14.21
CA ALA B 105 11.57 20.89 -14.81
C ALA B 105 10.49 21.85 -14.31
N ALA B 106 9.32 21.32 -13.93
CA ALA B 106 8.14 22.16 -13.75
C ALA B 106 8.15 22.91 -12.43
N GLY B 107 7.60 24.12 -12.45
CA GLY B 107 7.49 24.90 -11.23
C GLY B 107 6.65 24.21 -10.17
N ILE B 108 5.59 23.51 -10.57
CA ILE B 108 4.73 22.84 -9.60
C ILE B 108 5.54 21.81 -8.80
N SER B 109 6.50 21.15 -9.45
CA SER B 109 7.33 20.17 -8.74
C SER B 109 8.24 20.86 -7.72
N LYS B 110 8.69 22.09 -8.00
CA LYS B 110 9.43 22.85 -7.01
C LYS B 110 8.54 23.19 -5.81
N MET B 111 7.28 23.54 -6.05
CA MET B 111 6.34 23.73 -4.94
C MET B 111 6.21 22.47 -4.12
N ALA B 112 6.09 21.31 -4.78
CA ALA B 112 6.00 20.04 -4.05
C ALA B 112 7.25 19.82 -3.21
N THR B 113 8.43 20.08 -3.78
CA THR B 113 9.67 19.93 -3.03
C THR B 113 9.70 20.85 -1.82
N ASN B 114 9.22 22.08 -1.98
CA ASN B 114 9.26 23.04 -0.88
C ASN B 114 8.36 22.61 0.27
N ILE B 115 7.16 22.10 -0.03
CA ILE B 115 6.30 21.73 1.08
C ILE B 115 6.75 20.40 1.68
N GLN B 116 7.39 19.54 0.90
CA GLN B 116 7.98 18.33 1.47
C GLN B 116 9.11 18.67 2.43
N ALA B 117 9.94 19.67 2.08
CA ALA B 117 11.00 20.09 3.00
C ALA B 117 10.41 20.63 4.29
N GLN B 118 9.35 21.44 4.19
CA GLN B 118 8.72 21.98 5.39
C GLN B 118 8.11 20.86 6.23
N PHE B 119 7.43 19.93 5.58
CA PHE B 119 6.81 18.81 6.29
C PHE B 119 7.86 17.96 7.01
N GLU B 120 8.94 17.60 6.30
CA GLU B 120 9.96 16.75 6.92
C GLU B 120 10.59 17.45 8.11
N LYS B 121 10.88 18.75 7.98
CA LYS B 121 11.46 19.50 9.10
C LYS B 121 10.53 19.47 10.31
N LEU B 122 9.23 19.72 10.09
CA LEU B 122 8.30 19.74 11.20
C LEU B 122 8.15 18.35 11.82
N MET B 123 8.16 17.30 11.00
CA MET B 123 7.93 15.94 11.50
C MET B 123 9.11 15.39 12.29
N VAL B 124 10.24 16.09 12.32
CA VAL B 124 11.33 15.67 13.19
C VAL B 124 10.88 15.68 14.65
N LYS B 125 9.93 16.55 14.99
CA LYS B 125 9.50 16.77 16.36
C LYS B 125 8.32 15.89 16.79
N VAL B 126 7.92 14.92 15.98
CA VAL B 126 6.67 14.20 16.30
C VAL B 126 6.85 13.43 17.60
N PRO B 127 5.88 13.48 18.52
CA PRO B 127 6.06 12.81 19.81
C PRO B 127 6.13 11.30 19.62
N PRO B 128 6.79 10.59 20.53
CA PRO B 128 6.79 9.13 20.44
C PRO B 128 5.40 8.55 20.63
N LYS B 129 5.22 7.32 20.16
CA LYS B 129 3.91 6.69 20.14
C LYS B 129 3.48 6.27 21.55
N GLU B 130 4.36 5.59 22.27
CA GLU B 130 4.03 5.08 23.60
C GLU B 130 4.11 6.19 24.64
O2 8FK C . -3.50 -11.05 -10.82
C 8FK C . -2.91 -10.16 -11.39
C13 8FK C . -3.73 -9.33 -12.33
C16 8FK C . -4.97 -8.90 -11.90
C17 8FK C . -5.77 -8.15 -12.75
C18 8FK C . -5.35 -7.84 -14.04
C15 8FK C . -4.11 -8.26 -14.51
C14 8FK C . -3.28 -9.03 -13.70
S 8FK C . -1.74 -9.55 -14.22
C2 8FK C . -0.75 -8.68 -13.14
C3 8FK C . 0.09 -7.64 -13.56
C6 8FK C . 0.86 -6.94 -12.62
C5 8FK C . 0.79 -7.25 -11.27
C4 8FK C . -0.03 -8.25 -10.81
C1 8FK C . -0.83 -8.96 -11.69
N 8FK C . -1.61 -9.99 -11.15
C12 8FK C . -0.85 -10.96 -10.35
N1 8FK C . 1.76 -5.96 -12.89
C7 8FK C . 2.18 -5.63 -14.10
O1 8FK C . 1.79 -6.12 -15.14
C8 8FK C . 3.21 -4.55 -14.16
C10 8FK C . 2.66 -3.28 -13.52
C11 8FK C . 1.71 -2.78 -14.60
C9 8FK C . 2.17 -3.47 -15.89
O 8FK C . 3.36 -4.20 -15.53
H15 8FK C . -5.31 -9.14 -10.90
H16 8FK C . -6.75 -7.82 -12.41
H17 8FK C . -5.99 -7.25 -14.68
H14 8FK C . -3.79 -8.00 -15.52
H 8FK C . 0.15 -7.39 -14.62
H2 8FK C . 1.40 -6.70 -10.56
H1 8FK C . -0.06 -8.47 -9.76
H11 8FK C . -1.51 -11.70 -9.98
H12 8FK C . -0.39 -10.45 -9.53
H13 8FK C . -0.10 -11.40 -10.95
H3 8FK C . 2.20 -5.50 -12.10
H4 8FK C . 4.16 -4.85 -13.69
H7 8FK C . 3.46 -2.55 -13.34
H8 8FK C . 2.13 -3.50 -12.59
H9 8FK C . 1.77 -1.70 -14.71
H10 8FK C . 0.68 -3.06 -14.37
H5 8FK C . 1.41 -4.15 -16.25
H6 8FK C . 2.40 -2.73 -16.65
S SO4 D . -18.30 -15.69 -6.95
O1 SO4 D . -17.02 -15.37 -6.29
O2 SO4 D . -18.80 -16.96 -6.47
O3 SO4 D . -19.26 -14.63 -6.65
O4 SO4 D . -18.10 -15.76 -8.39
S SO4 E . -2.88 -13.76 -21.51
O1 SO4 E . -3.86 -13.38 -20.50
O2 SO4 E . -1.87 -14.62 -20.89
O3 SO4 E . -2.24 -12.57 -22.07
O4 SO4 E . -3.55 -14.49 -22.58
O2 8FK F . 0.08 17.94 -10.21
C 8FK F . -0.69 18.86 -10.45
C13 8FK F . -1.04 19.03 -11.89
C16 8FK F . -1.41 17.89 -12.60
C17 8FK F . -1.72 17.99 -13.95
C18 8FK F . -1.67 19.22 -14.60
C15 8FK F . -1.29 20.38 -13.94
C14 8FK F . -0.96 20.32 -12.59
S 8FK F . -0.52 21.71 -11.71
C2 8FK F . -1.80 21.80 -10.60
C3 8FK F . -2.70 22.86 -10.67
C6 8FK F . -3.78 22.92 -9.77
C5 8FK F . -3.96 21.92 -8.82
C4 8FK F . -3.09 20.85 -8.73
C1 8FK F . -2.01 20.72 -9.61
N 8FK F . -1.13 19.62 -9.45
C12 8FK F . -0.67 19.38 -8.07
N1 8FK F . -4.70 23.93 -9.70
C7 8FK F . -4.63 25.09 -10.34
O1 8FK F . -3.82 25.40 -11.20
C8 8FK F . -5.64 26.10 -9.89
C10 8FK F . -5.11 26.79 -8.63
C11 8FK F . -6.20 26.66 -7.58
C9 8FK F . -7.29 25.80 -8.21
O 8FK F . -6.89 25.50 -9.55
H15 8FK F . -1.45 16.93 -12.11
H16 8FK F . -2.02 17.11 -14.50
H17 8FK F . -1.92 19.27 -15.65
H14 8FK F . -1.26 21.33 -14.45
H 8FK F . -2.57 23.65 -11.40
H2 8FK F . -4.78 21.99 -8.12
H1 8FK F . -3.24 20.09 -7.97
H11 8FK F . -0.02 18.54 -8.08
H12 8FK F . -1.51 19.17 -7.46
H13 8FK F . -0.15 20.23 -7.72
H3 8FK F . -5.43 23.83 -9.02
H4 8FK F . -5.78 26.86 -10.67
H7 8FK F . -4.89 27.84 -8.83
H8 8FK F . -4.19 26.30 -8.29
H9 8FK F . -6.59 27.65 -7.32
H10 8FK F . -5.82 26.19 -6.68
H5 8FK F . -7.41 24.88 -7.64
H6 8FK F . -8.24 26.34 -8.21
#